data_2GIP
#
_entry.id   2GIP
#
_entity_poly.entity_id   1
_entity_poly.type   'polyribonucleotide'
_entity_poly.pdbx_seq_one_letter_code
;GGCCAUCUUCUCUUCGGAGGAUUUGGCC
;
_entity_poly.pdbx_strand_id   A
#